data_7VSO
#
_entry.id   7VSO
#
_cell.length_a   46.200
_cell.length_b   103.000
_cell.length_c   128.700
_cell.angle_alpha   90.00
_cell.angle_beta   90.00
_cell.angle_gamma   90.00
#
_symmetry.space_group_name_H-M   'C 2 2 21'
#
loop_
_entity.id
_entity.type
_entity.pdbx_description
1 polymer Bacteriorhodopsin
2 non-polymer RETINAL
3 non-polymer 2-[[(2R)-2-(3-bromanyl-5-iodanyl-phenyl)carbonyloxy-3-tetradecanoyloxy-propoxy]-oxidanyl-phosphoryl]oxyethyl-trimethyl-azanium
4 non-polymer 'IODIDE ION'
5 non-polymer 3-[(3-CHOLAMIDOPROPYL)DIMETHYLAMMONIO]-1-PROPANESULFONATE
6 non-polymer N-OCTANE
7 non-polymer HEPTANE
8 non-polymer DODECANE
9 non-polymer HEXADECANE
10 non-polymer DECANE
11 non-polymer nonane
12 water water
#
_entity_poly.entity_id   1
_entity_poly.type   'polypeptide(L)'
_entity_poly.pdbx_seq_one_letter_code
;QAQITGRPEWIWLALGTALMGLGTLYFLVKGMGVSDPDAKKFYAITTLVPAIAFTMYLSMLLGYGLTMVPFGGEQNPIYW
ARYADWLFTTPLLLLDLALLVDADQGTILALVGADGIMIGTGLVGALTKVYSYRFVWWAISTAAMLYILYVLFFGFTSKA
ESMRPEVASTFKVLRNVTVVLWSAYPVVWLIGSEGAGIVPLNIETLLFMVLDVSAKVGFGLILLRSRAIFGEAEAPEPSA
GDGAAATSD
;
_entity_poly.pdbx_strand_id   A
#
loop_
_chem_comp.id
_chem_comp.type
_chem_comp.name
_chem_comp.formula
7YH non-polymer 2-[[(2R)-2-(3-bromanyl-5-iodanyl-phenyl)carbonyloxy-3-tetradecanoyloxy-propoxy]-oxidanyl-phosphoryl]oxyethyl-trimethyl-azanium 'C29 H49 Br I N O8 P 1'
CPS non-polymer 3-[(3-CHOLAMIDOPROPYL)DIMETHYLAMMONIO]-1-PROPANESULFONATE 'C32 H58 N2 O7 S'
D10 non-polymer DECANE 'C10 H22'
D12 non-polymer DODECANE 'C12 H26'
DD9 non-polymer nonane 'C9 H20'
HP6 non-polymer HEPTANE 'C7 H16'
IOD non-polymer 'IODIDE ION' 'I -1'
OCT non-polymer N-OCTANE 'C8 H18'
R16 non-polymer HEXADECANE 'C16 H34'
RET non-polymer RETINAL 'C20 H28 O'
#
# COMPACT_ATOMS: atom_id res chain seq x y z
N ARG A 7 13.33 15.92 14.31
CA ARG A 7 12.25 15.07 13.73
C ARG A 7 12.09 13.77 14.58
N PRO A 8 11.19 13.80 15.61
CA PRO A 8 10.94 12.66 16.53
C PRO A 8 10.50 11.34 15.87
N GLU A 9 9.94 11.47 14.66
CA GLU A 9 9.45 10.36 13.87
C GLU A 9 10.57 9.57 13.21
N TRP A 10 11.80 10.07 13.25
CA TRP A 10 12.96 9.36 12.65
C TRP A 10 13.04 7.88 13.09
N ILE A 11 12.75 7.60 14.37
CA ILE A 11 12.86 6.22 14.91
C ILE A 11 11.93 5.20 14.16
N TRP A 12 10.75 5.65 13.73
CA TRP A 12 9.81 4.80 13.04
C TRP A 12 10.13 4.74 11.56
N LEU A 13 10.70 5.82 11.02
CA LEU A 13 11.32 5.76 9.67
C LEU A 13 12.48 4.80 9.59
N ALA A 14 13.30 4.72 10.65
CA ALA A 14 14.47 3.83 10.71
C ALA A 14 14.04 2.38 10.84
N LEU A 15 13.06 2.11 11.71
CA LEU A 15 12.44 0.78 11.85
C LEU A 15 11.78 0.31 10.59
N GLY A 16 11.00 1.19 9.94
CA GLY A 16 10.36 0.89 8.60
C GLY A 16 11.39 0.50 7.54
N THR A 17 12.48 1.28 7.47
CA THR A 17 13.60 1.02 6.56
C THR A 17 14.17 -0.38 6.79
N ALA A 18 14.48 -0.68 8.06
CA ALA A 18 15.06 -1.96 8.47
C ALA A 18 14.12 -3.08 8.06
N LEU A 19 12.82 -2.95 8.39
CA LEU A 19 11.82 -4.01 8.09
C LEU A 19 11.58 -4.21 6.61
N MET A 20 11.48 -3.11 5.86
CA MET A 20 11.34 -3.24 4.43
C MET A 20 12.58 -3.90 3.82
N GLY A 21 13.76 -3.54 4.33
CA GLY A 21 15.05 -4.06 3.79
C GLY A 21 15.21 -5.55 4.03
N LEU A 22 14.91 -5.95 5.25
CA LEU A 22 14.88 -7.38 5.63
C LEU A 22 13.85 -8.19 4.80
N GLY A 23 12.61 -7.68 4.68
CA GLY A 23 11.57 -8.30 3.84
C GLY A 23 12.05 -8.48 2.39
N THR A 24 12.63 -7.42 1.80
CA THR A 24 13.17 -7.46 0.42
C THR A 24 14.23 -8.56 0.29
N LEU A 25 15.19 -8.56 1.19
CA LEU A 25 16.33 -9.45 1.14
C LEU A 25 15.84 -10.89 1.28
N TYR A 26 14.95 -11.13 2.23
CA TYR A 26 14.42 -12.47 2.42
C TYR A 26 13.58 -12.97 1.21
N PHE A 27 12.76 -12.10 0.63
CA PHE A 27 11.95 -12.48 -0.50
C PHE A 27 12.85 -12.74 -1.73
N LEU A 28 13.90 -11.91 -1.90
CA LEU A 28 14.92 -12.08 -2.93
C LEU A 28 15.65 -13.44 -2.80
N VAL A 29 16.13 -13.78 -1.61
CA VAL A 29 16.81 -15.07 -1.38
C VAL A 29 15.91 -16.25 -1.76
N LYS A 30 14.71 -16.26 -1.19
CA LYS A 30 13.70 -17.27 -1.52
C LYS A 30 13.31 -17.30 -2.99
N GLY A 31 13.02 -16.13 -3.57
CA GLY A 31 12.65 -16.04 -5.00
C GLY A 31 13.70 -16.51 -6.00
N MET A 32 14.95 -16.30 -5.62
CA MET A 32 16.07 -16.68 -6.43
C MET A 32 16.22 -18.22 -6.45
N GLY A 33 15.72 -18.91 -5.43
CA GLY A 33 15.88 -20.32 -5.32
C GLY A 33 14.71 -21.12 -5.87
N VAL A 34 13.78 -20.47 -6.54
CA VAL A 34 12.53 -21.04 -7.00
C VAL A 34 12.65 -21.30 -8.51
N SER A 35 12.26 -22.51 -8.93
CA SER A 35 12.31 -22.95 -10.34
C SER A 35 10.99 -22.74 -11.06
N ASP A 36 9.88 -23.03 -10.37
CA ASP A 36 8.55 -22.96 -10.97
C ASP A 36 8.34 -21.59 -11.65
N PRO A 37 7.97 -21.57 -12.96
CA PRO A 37 7.81 -20.27 -13.67
C PRO A 37 6.70 -19.38 -13.12
N ASP A 38 5.57 -19.98 -12.70
CA ASP A 38 4.46 -19.24 -12.10
C ASP A 38 4.83 -18.63 -10.76
N ALA A 39 5.47 -19.44 -9.90
CA ALA A 39 5.86 -18.98 -8.59
C ALA A 39 6.80 -17.77 -8.70
N LYS A 40 7.68 -17.77 -9.70
CA LYS A 40 8.65 -16.73 -9.99
C LYS A 40 8.06 -15.30 -10.29
N LYS A 41 6.97 -15.23 -11.08
CA LYS A 41 6.20 -14.01 -11.32
C LYS A 41 5.75 -13.38 -9.99
N PHE A 42 5.22 -14.18 -9.11
CA PHE A 42 4.72 -13.74 -7.85
C PHE A 42 5.87 -13.26 -6.95
N TYR A 43 7.00 -13.98 -6.98
CA TYR A 43 8.20 -13.51 -6.29
C TYR A 43 8.73 -12.19 -6.83
N ALA A 44 8.79 -12.05 -8.15
CA ALA A 44 9.30 -10.83 -8.77
C ALA A 44 8.46 -9.63 -8.37
N ILE A 45 7.12 -9.73 -8.54
CA ILE A 45 6.18 -8.65 -8.18
C ILE A 45 6.30 -8.33 -6.70
N THR A 46 6.29 -9.37 -5.85
CA THR A 46 6.21 -9.20 -4.40
C THR A 46 7.53 -8.73 -3.75
N THR A 47 8.68 -9.00 -4.38
CA THR A 47 9.95 -8.54 -3.88
C THR A 47 10.09 -7.03 -4.17
N LEU A 48 9.56 -6.58 -5.30
CA LEU A 48 9.56 -5.17 -5.73
C LEU A 48 8.82 -4.26 -4.76
N VAL A 49 7.73 -4.79 -4.17
CA VAL A 49 6.88 -4.04 -3.26
C VAL A 49 7.69 -3.53 -2.03
N PRO A 50 8.33 -4.43 -1.21
CA PRO A 50 9.14 -3.83 -0.12
C PRO A 50 10.41 -3.14 -0.56
N ALA A 51 10.91 -3.45 -1.76
CA ALA A 51 12.11 -2.80 -2.33
C ALA A 51 11.87 -1.31 -2.59
N ILE A 52 10.74 -0.99 -3.23
CA ILE A 52 10.24 0.40 -3.43
C ILE A 52 9.97 1.06 -2.07
N ALA A 53 9.31 0.35 -1.17
CA ALA A 53 9.05 0.94 0.17
C ALA A 53 10.36 1.26 0.96
N PHE A 54 11.38 0.39 0.80
CA PHE A 54 12.67 0.55 1.51
C PHE A 54 13.38 1.84 1.06
N THR A 55 13.35 2.05 -0.24
CA THR A 55 13.92 3.23 -0.92
C THR A 55 13.31 4.54 -0.41
N MET A 56 11.96 4.55 -0.33
CA MET A 56 11.19 5.68 0.08
C MET A 56 11.35 5.92 1.58
N TYR A 57 11.39 4.84 2.37
CA TYR A 57 11.62 4.94 3.80
C TYR A 57 13.02 5.48 4.13
N LEU A 58 14.03 5.07 3.34
CA LEU A 58 15.40 5.53 3.45
C LEU A 58 15.52 7.02 3.11
N SER A 59 14.89 7.41 2.00
CA SER A 59 14.88 8.79 1.58
C SER A 59 14.31 9.69 2.68
N MET A 60 13.15 9.30 3.25
CA MET A 60 12.49 10.04 4.30
C MET A 60 13.33 10.12 5.60
N LEU A 61 13.93 8.99 6.00
CA LEU A 61 14.90 8.90 7.15
C LEU A 61 16.04 9.91 7.00
N LEU A 62 16.53 10.07 5.77
CA LEU A 62 17.65 10.98 5.45
C LEU A 62 17.18 12.40 5.17
N GLY A 63 15.88 12.66 5.37
CA GLY A 63 15.28 14.00 5.25
C GLY A 63 14.82 14.42 3.85
N TYR A 64 14.68 13.48 2.91
CA TYR A 64 14.05 13.82 1.64
C TYR A 64 12.53 13.54 1.63
N GLY A 65 11.83 14.03 0.60
CA GLY A 65 10.40 13.81 0.43
C GLY A 65 9.51 14.37 1.53
N LEU A 66 9.98 15.42 2.20
CA LEU A 66 9.21 16.22 3.16
C LEU A 66 9.08 17.69 2.67
N THR A 67 7.87 18.24 2.68
CA THR A 67 7.64 19.63 2.32
C THR A 67 6.76 20.25 3.39
N MET A 68 6.71 21.57 3.41
CA MET A 68 5.86 22.34 4.31
C MET A 68 4.68 22.86 3.49
N VAL A 69 3.46 22.61 3.99
CA VAL A 69 2.27 23.07 3.31
C VAL A 69 1.50 23.94 4.34
N PRO A 70 1.21 25.21 3.96
CA PRO A 70 0.40 26.08 4.83
C PRO A 70 -1.12 25.78 4.70
N PHE A 71 -1.78 25.56 5.82
CA PHE A 71 -3.25 25.45 5.93
C PHE A 71 -3.59 25.56 7.42
N GLY A 72 -4.79 26.07 7.71
CA GLY A 72 -5.23 26.28 9.08
C GLY A 72 -4.37 27.28 9.89
N GLY A 73 -3.66 28.19 9.19
CA GLY A 73 -2.76 29.19 9.80
C GLY A 73 -1.41 28.68 10.34
N GLU A 74 -1.05 27.44 9.99
CA GLU A 74 0.26 26.88 10.33
C GLU A 74 0.98 26.38 9.10
N GLN A 75 2.28 26.17 9.25
CA GLN A 75 3.11 25.53 8.25
C GLN A 75 3.17 24.06 8.70
N ASN A 76 2.63 23.16 7.87
CA ASN A 76 2.52 21.74 8.23
C ASN A 76 3.47 20.86 7.44
N PRO A 77 4.19 19.96 8.12
CA PRO A 77 5.08 19.04 7.43
C PRO A 77 4.31 17.90 6.75
N ILE A 78 4.51 17.77 5.44
CA ILE A 78 3.88 16.74 4.65
C ILE A 78 4.98 15.89 3.99
N TYR A 79 5.02 14.60 4.37
CA TYR A 79 5.85 13.61 3.70
C TYR A 79 5.15 13.20 2.41
N TRP A 80 5.62 13.75 1.29
CA TRP A 80 5.02 13.46 -0.01
C TRP A 80 5.65 12.20 -0.61
N ALA A 81 6.83 11.80 -0.11
CA ALA A 81 7.51 10.62 -0.66
C ALA A 81 6.69 9.33 -0.47
N ARG A 82 5.81 9.33 0.54
CA ARG A 82 4.88 8.22 0.76
C ARG A 82 4.07 7.89 -0.48
N TYR A 83 3.59 8.92 -1.17
CA TYR A 83 2.77 8.76 -2.37
C TYR A 83 3.56 8.24 -3.57
N ALA A 84 4.85 8.55 -3.63
CA ALA A 84 5.73 8.06 -4.71
C ALA A 84 5.89 6.56 -4.53
N ASP A 85 6.03 6.11 -3.28
CA ASP A 85 5.99 4.70 -2.90
C ASP A 85 4.63 4.09 -3.31
N TRP A 86 3.54 4.62 -2.78
CA TRP A 86 2.25 3.98 -2.89
C TRP A 86 1.76 3.92 -4.34
N LEU A 87 2.11 4.95 -5.13
CA LEU A 87 1.86 4.98 -6.56
C LEU A 87 2.27 3.69 -7.26
N PHE A 88 3.40 3.11 -6.84
CA PHE A 88 3.94 1.92 -7.49
C PHE A 88 3.69 0.63 -6.73
N THR A 89 3.64 0.71 -5.40
CA THR A 89 3.48 -0.51 -4.59
C THR A 89 2.06 -0.99 -4.52
N THR A 90 1.10 -0.07 -4.45
CA THR A 90 -0.32 -0.47 -4.38
C THR A 90 -0.83 -1.20 -5.66
N PRO A 91 -0.48 -0.72 -6.88
CA PRO A 91 -0.98 -1.51 -8.01
C PRO A 91 -0.25 -2.86 -8.15
N LEU A 92 0.98 -2.97 -7.65
CA LEU A 92 1.69 -4.23 -7.69
C LEU A 92 1.02 -5.25 -6.77
N LEU A 93 0.58 -4.82 -5.57
CA LEU A 93 -0.21 -5.67 -4.66
C LEU A 93 -1.53 -6.12 -5.28
N LEU A 94 -2.21 -5.19 -5.97
CA LEU A 94 -3.41 -5.52 -6.74
C LEU A 94 -3.11 -6.56 -7.81
N LEU A 95 -1.99 -6.37 -8.52
CA LEU A 95 -1.53 -7.28 -9.56
C LEU A 95 -1.34 -8.72 -9.00
N ASP A 96 -0.70 -8.84 -7.83
CA ASP A 96 -0.62 -10.13 -7.11
C ASP A 96 -1.98 -10.81 -6.96
N LEU A 97 -2.97 -10.03 -6.47
CA LEU A 97 -4.32 -10.56 -6.27
C LEU A 97 -5.02 -10.94 -7.58
N ALA A 98 -4.83 -10.12 -8.62
CA ALA A 98 -5.41 -10.28 -9.94
C ALA A 98 -4.84 -11.54 -10.66
N LEU A 99 -3.53 -11.78 -10.53
CA LEU A 99 -2.90 -12.99 -11.08
C LEU A 99 -3.33 -14.24 -10.34
N LEU A 100 -3.50 -14.14 -9.02
CA LEU A 100 -4.03 -15.24 -8.24
C LEU A 100 -5.40 -15.79 -8.69
N VAL A 101 -6.29 -14.89 -9.13
CA VAL A 101 -7.68 -15.24 -9.48
C VAL A 101 -7.94 -15.18 -10.97
N ASP A 102 -6.87 -14.87 -11.72
CA ASP A 102 -6.95 -14.82 -13.16
C ASP A 102 -7.96 -13.73 -13.60
N ALA A 103 -7.85 -12.53 -13.05
CA ALA A 103 -8.74 -11.46 -13.43
C ALA A 103 -8.47 -11.14 -14.90
N ASP A 104 -9.46 -10.56 -15.56
CA ASP A 104 -9.25 -10.14 -16.94
C ASP A 104 -8.66 -8.76 -17.08
N GLN A 105 -8.10 -8.54 -18.27
CA GLN A 105 -7.36 -7.38 -18.62
C GLN A 105 -8.07 -6.08 -18.28
N GLY A 106 -9.36 -5.98 -18.61
CA GLY A 106 -10.14 -4.75 -18.39
C GLY A 106 -10.38 -4.47 -16.92
N THR A 107 -10.53 -5.56 -16.14
CA THR A 107 -10.66 -5.45 -14.68
C THR A 107 -9.35 -4.95 -14.09
N ILE A 108 -8.21 -5.50 -14.54
CA ILE A 108 -6.89 -5.06 -14.09
C ILE A 108 -6.70 -3.56 -14.37
N LEU A 109 -7.07 -3.15 -15.60
CA LEU A 109 -6.94 -1.77 -16.05
C LEU A 109 -7.83 -0.83 -15.22
N ALA A 110 -9.06 -1.26 -14.93
CA ALA A 110 -9.98 -0.50 -14.07
C ALA A 110 -9.41 -0.28 -12.67
N LEU A 111 -8.88 -1.34 -12.05
CA LEU A 111 -8.33 -1.29 -10.68
C LEU A 111 -7.08 -0.46 -10.61
N VAL A 112 -6.18 -0.63 -11.58
CA VAL A 112 -4.93 0.16 -11.67
C VAL A 112 -5.27 1.64 -11.87
N GLY A 113 -6.19 1.92 -12.79
CA GLY A 113 -6.67 3.29 -12.99
C GLY A 113 -7.29 3.92 -11.74
N ALA A 114 -8.23 3.21 -11.09
CA ALA A 114 -8.83 3.66 -9.83
C ALA A 114 -7.76 3.90 -8.78
N ASP A 115 -6.80 2.98 -8.69
CA ASP A 115 -5.63 3.08 -7.83
C ASP A 115 -4.80 4.36 -8.03
N GLY A 116 -4.48 4.69 -9.28
CA GLY A 116 -3.84 5.95 -9.68
C GLY A 116 -4.61 7.17 -9.23
N ILE A 117 -5.93 7.15 -9.43
CA ILE A 117 -6.85 8.20 -8.95
C ILE A 117 -6.76 8.33 -7.44
N MET A 118 -6.85 7.19 -6.75
CA MET A 118 -6.74 7.14 -5.28
C MET A 118 -5.44 7.80 -4.78
N ILE A 119 -4.31 7.41 -5.35
CA ILE A 119 -3.00 7.92 -4.92
C ILE A 119 -2.83 9.40 -5.36
N GLY A 120 -3.17 9.71 -6.61
CA GLY A 120 -3.03 11.06 -7.13
C GLY A 120 -3.90 12.12 -6.45
N THR A 121 -5.19 11.81 -6.24
CA THR A 121 -6.07 12.73 -5.49
C THR A 121 -5.65 12.86 -4.02
N GLY A 122 -5.13 11.77 -3.42
CA GLY A 122 -4.58 11.79 -2.03
C GLY A 122 -3.43 12.76 -1.92
N LEU A 123 -2.56 12.72 -2.93
CA LEU A 123 -1.38 13.58 -3.00
C LEU A 123 -1.83 15.05 -3.21
N VAL A 124 -2.70 15.30 -4.19
CA VAL A 124 -3.29 16.64 -4.34
C VAL A 124 -3.90 17.18 -3.03
N GLY A 125 -4.70 16.35 -2.35
CA GLY A 125 -5.27 16.68 -1.04
C GLY A 125 -4.21 17.00 0.01
N ALA A 126 -3.14 16.18 0.03
CA ALA A 126 -2.04 16.40 0.98
C ALA A 126 -1.30 17.76 0.76
N LEU A 127 -1.38 18.31 -0.44
CA LEU A 127 -0.65 19.53 -0.79
C LEU A 127 -1.53 20.77 -0.90
N THR A 128 -2.84 20.60 -0.76
CA THR A 128 -3.82 21.66 -0.92
C THR A 128 -3.73 22.64 0.25
N LYS A 129 -3.72 23.93 -0.09
CA LYS A 129 -3.52 25.01 0.90
C LYS A 129 -4.82 25.51 1.53
N VAL A 130 -5.95 25.29 0.86
CA VAL A 130 -7.27 25.60 1.39
C VAL A 130 -7.71 24.38 2.22
N TYR A 131 -7.86 24.57 3.54
CA TYR A 131 -8.10 23.50 4.50
C TYR A 131 -9.29 22.62 4.13
N SER A 132 -10.38 23.27 3.77
CA SER A 132 -11.62 22.64 3.34
C SER A 132 -11.48 21.77 2.07
N TYR A 133 -10.71 22.22 1.08
CA TYR A 133 -10.57 21.46 -0.17
C TYR A 133 -9.70 20.20 -0.01
N ARG A 134 -8.81 20.18 0.99
CA ARG A 134 -8.05 18.99 1.42
C ARG A 134 -8.97 17.79 1.59
N PHE A 135 -10.09 18.02 2.26
CA PHE A 135 -11.07 16.99 2.56
C PHE A 135 -11.92 16.57 1.34
N VAL A 136 -12.11 17.48 0.39
CA VAL A 136 -12.75 17.13 -0.88
C VAL A 136 -11.88 16.09 -1.62
N TRP A 137 -10.57 16.34 -1.73
CA TRP A 137 -9.61 15.41 -2.34
C TRP A 137 -9.56 14.06 -1.60
N TRP A 138 -9.49 14.14 -0.26
CA TRP A 138 -9.55 12.98 0.59
C TRP A 138 -10.81 12.14 0.27
N ALA A 139 -11.96 12.79 0.08
CA ALA A 139 -13.25 12.08 -0.15
C ALA A 139 -13.23 11.35 -1.50
N ILE A 140 -12.70 12.02 -2.54
CA ILE A 140 -12.56 11.41 -3.86
C ILE A 140 -11.60 10.23 -3.79
N SER A 141 -10.46 10.42 -3.09
CA SER A 141 -9.47 9.35 -2.90
C SER A 141 -10.08 8.09 -2.24
N THR A 142 -10.88 8.31 -1.20
CA THR A 142 -11.55 7.25 -0.46
C THR A 142 -12.62 6.54 -1.34
N ALA A 143 -13.42 7.29 -2.09
CA ALA A 143 -14.35 6.69 -3.03
C ALA A 143 -13.63 5.77 -4.07
N ALA A 144 -12.54 6.24 -4.71
CA ALA A 144 -11.71 5.37 -5.59
C ALA A 144 -11.24 4.10 -4.85
N MET A 145 -10.80 4.26 -3.58
CA MET A 145 -10.42 3.12 -2.73
C MET A 145 -11.57 2.11 -2.50
N LEU A 146 -12.77 2.63 -2.25
CA LEU A 146 -13.92 1.82 -1.88
C LEU A 146 -14.37 1.07 -3.14
N TYR A 147 -14.23 1.72 -4.31
CA TYR A 147 -14.40 1.02 -5.62
C TYR A 147 -13.47 -0.21 -5.75
N ILE A 148 -12.17 -0.03 -5.44
CA ILE A 148 -11.18 -1.13 -5.43
C ILE A 148 -11.61 -2.24 -4.49
N LEU A 149 -11.91 -1.88 -3.24
CA LEU A 149 -12.32 -2.85 -2.19
C LEU A 149 -13.55 -3.62 -2.62
N TYR A 150 -14.52 -2.91 -3.21
CA TYR A 150 -15.72 -3.53 -3.78
C TYR A 150 -15.41 -4.65 -4.83
N VAL A 151 -14.56 -4.32 -5.81
CA VAL A 151 -14.18 -5.25 -6.85
C VAL A 151 -13.43 -6.44 -6.23
N LEU A 152 -12.49 -6.18 -5.31
CA LEU A 152 -11.74 -7.27 -4.63
C LEU A 152 -12.66 -8.18 -3.86
N PHE A 153 -13.63 -7.61 -3.13
CA PHE A 153 -14.55 -8.36 -2.28
C PHE A 153 -15.58 -9.14 -3.10
N PHE A 154 -16.32 -8.46 -3.95
CA PHE A 154 -17.33 -9.10 -4.77
C PHE A 154 -16.74 -9.76 -6.03
N GLY A 155 -16.04 -8.99 -6.87
CA GLY A 155 -15.54 -9.50 -8.13
C GLY A 155 -14.56 -10.63 -7.98
N PHE A 156 -13.45 -10.38 -7.28
CA PHE A 156 -12.35 -11.34 -7.25
C PHE A 156 -12.73 -12.62 -6.49
N THR A 157 -13.58 -12.50 -5.46
CA THR A 157 -14.00 -13.66 -4.67
C THR A 157 -14.75 -14.63 -5.59
N SER A 158 -15.59 -14.10 -6.46
CA SER A 158 -16.33 -14.91 -7.42
C SER A 158 -15.35 -15.65 -8.37
N LYS A 159 -14.37 -14.93 -8.93
CA LYS A 159 -13.30 -15.51 -9.74
C LYS A 159 -12.46 -16.59 -8.99
N ALA A 160 -12.10 -16.33 -7.72
CA ALA A 160 -11.32 -17.26 -6.93
C ALA A 160 -12.06 -18.58 -6.65
N GLU A 161 -13.41 -18.54 -6.57
CA GLU A 161 -14.25 -19.73 -6.31
C GLU A 161 -14.23 -20.73 -7.47
N SER A 162 -13.79 -20.31 -8.65
CA SER A 162 -13.63 -21.24 -9.75
C SER A 162 -12.20 -21.87 -9.79
N MET A 163 -11.35 -21.53 -8.82
CA MET A 163 -10.02 -22.05 -8.72
C MET A 163 -10.06 -23.20 -7.75
N ARG A 164 -8.97 -23.96 -7.64
CA ARG A 164 -8.91 -25.03 -6.65
C ARG A 164 -8.97 -24.39 -5.26
N PRO A 165 -9.57 -25.10 -4.27
CA PRO A 165 -9.77 -24.55 -2.91
C PRO A 165 -8.52 -23.92 -2.25
N GLU A 166 -7.33 -24.44 -2.51
CA GLU A 166 -6.10 -23.92 -1.93
C GLU A 166 -5.83 -22.48 -2.43
N VAL A 167 -6.12 -22.22 -3.71
CA VAL A 167 -6.01 -20.88 -4.30
C VAL A 167 -7.07 -19.92 -3.74
N ALA A 168 -8.32 -20.37 -3.71
CA ALA A 168 -9.45 -19.60 -3.17
C ALA A 168 -9.20 -19.22 -1.68
N SER A 169 -8.67 -20.17 -0.90
CA SER A 169 -8.36 -20.01 0.52
C SER A 169 -7.32 -18.92 0.77
N THR A 170 -6.20 -19.01 0.04
CA THR A 170 -5.13 -18.03 0.05
C THR A 170 -5.63 -16.65 -0.41
N PHE A 171 -6.41 -16.60 -1.51
CA PHE A 171 -7.03 -15.37 -1.90
C PHE A 171 -7.85 -14.73 -0.75
N LYS A 172 -8.66 -15.53 -0.07
CA LYS A 172 -9.55 -15.00 0.97
C LYS A 172 -8.78 -14.36 2.08
N VAL A 173 -7.74 -15.04 2.54
CA VAL A 173 -6.84 -14.49 3.57
C VAL A 173 -6.23 -13.15 3.16
N LEU A 174 -5.65 -13.12 1.94
CA LEU A 174 -5.03 -11.93 1.39
C LEU A 174 -6.03 -10.82 1.13
N ARG A 175 -7.22 -11.16 0.63
CA ARG A 175 -8.31 -10.20 0.47
C ARG A 175 -8.72 -9.58 1.83
N ASN A 176 -8.81 -10.39 2.88
CA ASN A 176 -9.22 -9.92 4.21
C ASN A 176 -8.18 -9.02 4.83
N VAL A 177 -6.92 -9.39 4.69
CA VAL A 177 -5.76 -8.58 5.11
C VAL A 177 -5.83 -7.21 4.41
N THR A 178 -6.05 -7.23 3.10
CA THR A 178 -6.12 -6.05 2.25
C THR A 178 -7.32 -5.15 2.66
N VAL A 179 -8.53 -5.70 2.74
CA VAL A 179 -9.68 -4.91 3.15
C VAL A 179 -9.39 -4.25 4.50
N VAL A 180 -8.93 -5.03 5.50
CA VAL A 180 -8.69 -4.47 6.83
C VAL A 180 -7.59 -3.44 6.81
N LEU A 181 -6.44 -3.77 6.19
CA LEU A 181 -5.30 -2.82 6.20
C LEU A 181 -5.54 -1.55 5.37
N TRP A 182 -6.10 -1.67 4.16
CA TRP A 182 -6.37 -0.48 3.29
C TRP A 182 -7.39 0.48 3.90
N SER A 183 -8.46 -0.07 4.50
CA SER A 183 -9.49 0.66 5.27
C SER A 183 -8.95 1.67 6.26
N ALA A 184 -7.88 1.30 6.99
CA ALA A 184 -7.31 2.11 8.05
C ALA A 184 -6.59 3.38 7.50
N TYR A 185 -5.94 3.29 6.32
CA TYR A 185 -5.19 4.43 5.73
C TYR A 185 -5.97 5.76 5.69
N PRO A 186 -7.21 5.76 5.09
CA PRO A 186 -7.88 7.08 5.02
C PRO A 186 -8.22 7.63 6.41
N VAL A 187 -8.44 6.76 7.40
CA VAL A 187 -8.68 7.19 8.77
C VAL A 187 -7.41 7.84 9.38
N VAL A 188 -6.26 7.21 9.17
CA VAL A 188 -4.99 7.77 9.66
C VAL A 188 -4.76 9.16 9.04
N TRP A 189 -4.94 9.27 7.72
CA TRP A 189 -4.78 10.54 7.04
C TRP A 189 -5.73 11.58 7.63
N LEU A 190 -7.00 11.20 7.81
CA LEU A 190 -8.05 12.12 8.32
C LEU A 190 -7.70 12.74 9.68
N ILE A 191 -7.17 11.90 10.58
CA ILE A 191 -6.98 12.32 11.96
C ILE A 191 -5.56 12.81 12.20
N GLY A 192 -4.66 12.55 11.23
CA GLY A 192 -3.24 12.84 11.37
C GLY A 192 -2.92 14.24 10.86
N SER A 193 -1.63 14.50 10.72
CA SER A 193 -1.10 15.81 10.34
C SER A 193 -1.55 16.29 8.96
N GLU A 194 -2.04 15.38 8.13
CA GLU A 194 -2.53 15.74 6.80
C GLU A 194 -3.94 16.34 6.79
N GLY A 195 -4.73 15.99 7.81
CA GLY A 195 -6.11 16.41 7.91
C GLY A 195 -6.37 17.19 9.17
N ALA A 196 -7.03 16.51 10.12
CA ALA A 196 -7.55 17.14 11.31
C ALA A 196 -6.42 17.60 12.22
N GLY A 197 -5.23 16.99 12.14
CA GLY A 197 -4.13 17.42 13.00
C GLY A 197 -4.23 16.96 14.45
N ILE A 198 -4.96 15.88 14.72
CA ILE A 198 -5.21 15.41 16.07
C ILE A 198 -4.09 14.49 16.53
N VAL A 199 -3.73 13.52 15.69
CA VAL A 199 -2.67 12.57 16.01
C VAL A 199 -1.39 13.26 15.51
N PRO A 200 -0.41 13.47 16.41
CA PRO A 200 0.86 14.17 16.03
C PRO A 200 1.69 13.31 15.06
N LEU A 201 2.56 13.99 14.31
CA LEU A 201 3.33 13.34 13.24
C LEU A 201 4.09 12.03 13.65
N ASN A 202 4.70 12.01 14.82
CA ASN A 202 5.42 10.82 15.31
C ASN A 202 4.54 9.58 15.46
N ILE A 203 3.36 9.74 16.08
CA ILE A 203 2.39 8.64 16.22
C ILE A 203 1.90 8.24 14.81
N GLU A 204 1.58 9.23 13.98
CA GLU A 204 1.12 8.96 12.62
C GLU A 204 2.12 8.14 11.74
N THR A 205 3.40 8.48 11.87
CA THR A 205 4.49 7.74 11.26
C THR A 205 4.58 6.30 11.78
N LEU A 206 4.41 6.10 13.09
CA LEU A 206 4.30 4.76 13.67
C LEU A 206 3.16 3.98 13.02
N LEU A 207 1.97 4.60 12.93
CA LEU A 207 0.79 3.96 12.36
C LEU A 207 0.98 3.55 10.89
N PHE A 208 1.46 4.47 10.06
CA PHE A 208 1.74 4.18 8.66
C PHE A 208 2.82 3.10 8.53
N MET A 209 3.83 3.14 9.40
CA MET A 209 4.89 2.11 9.39
C MET A 209 4.33 0.71 9.69
N VAL A 210 3.52 0.60 10.74
CA VAL A 210 2.83 -0.68 11.09
C VAL A 210 1.94 -1.15 9.91
N LEU A 211 1.17 -0.23 9.34
CA LEU A 211 0.29 -0.53 8.19
C LEU A 211 1.09 -0.92 6.95
N ASP A 212 2.14 -0.15 6.65
CA ASP A 212 3.04 -0.43 5.52
C ASP A 212 3.71 -1.80 5.59
N VAL A 213 4.36 -2.07 6.73
CA VAL A 213 5.03 -3.34 6.93
C VAL A 213 4.03 -4.50 6.85
N SER A 214 2.85 -4.36 7.50
CA SER A 214 1.81 -5.41 7.46
C SER A 214 1.26 -5.60 6.03
N ALA A 215 0.92 -4.50 5.33
CA ALA A 215 0.34 -4.56 3.96
C ALA A 215 1.34 -5.05 2.87
N LYS A 216 2.65 -4.98 3.17
CA LYS A 216 3.72 -5.33 2.24
C LYS A 216 4.48 -6.59 2.62
N VAL A 217 5.23 -6.58 3.73
CA VAL A 217 5.97 -7.77 4.22
C VAL A 217 5.03 -8.88 4.76
N GLY A 218 4.05 -8.49 5.58
CA GLY A 218 3.03 -9.41 6.10
C GLY A 218 2.28 -10.12 4.97
N PHE A 219 1.66 -9.33 4.09
CA PHE A 219 1.03 -9.78 2.85
C PHE A 219 1.92 -10.77 2.05
N GLY A 220 3.19 -10.37 1.79
CA GLY A 220 4.16 -11.15 1.04
C GLY A 220 4.46 -12.49 1.69
N LEU A 221 4.66 -12.49 2.99
CA LEU A 221 4.86 -13.71 3.76
C LEU A 221 3.70 -14.71 3.60
N ILE A 222 2.45 -14.23 3.66
CA ILE A 222 1.31 -15.12 3.45
C ILE A 222 1.26 -15.70 2.02
N LEU A 223 1.49 -14.84 1.02
CA LEU A 223 1.46 -15.21 -0.41
C LEU A 223 2.57 -16.16 -0.79
N LEU A 224 3.80 -15.80 -0.42
CA LEU A 224 5.00 -16.50 -0.89
C LEU A 224 5.27 -17.80 -0.17
N ARG A 225 4.62 -18.01 0.99
CA ARG A 225 4.67 -19.28 1.75
C ARG A 225 3.56 -20.23 1.42
N SER A 226 2.66 -19.85 0.51
CA SER A 226 1.53 -20.69 0.19
C SER A 226 1.82 -21.60 -1.04
N ARG A 227 1.10 -22.71 -1.16
CA ARG A 227 1.18 -23.55 -2.36
C ARG A 227 0.48 -22.91 -3.58
N ALA A 228 -0.40 -21.93 -3.33
CA ALA A 228 -1.27 -21.30 -4.35
C ALA A 228 -0.56 -20.66 -5.58
N ILE A 229 0.71 -20.29 -5.39
CA ILE A 229 1.58 -19.65 -6.42
C ILE A 229 2.35 -20.67 -7.31
N PHE A 230 2.34 -21.95 -6.94
CA PHE A 230 2.96 -23.07 -7.72
C PHE A 230 1.88 -23.74 -8.55
C1 RET B . -4.51 7.86 1.28
C2 RET B . -5.06 9.28 1.13
C3 RET B . -6.42 9.42 1.79
C4 RET B . -7.47 8.54 1.13
C5 RET B . -6.95 7.13 0.93
C6 RET B . -5.62 6.81 1.03
C7 RET B . -5.28 5.38 0.91
C8 RET B . -4.08 4.90 0.70
C9 RET B . -3.82 3.46 0.67
C10 RET B . -2.52 3.11 0.85
C11 RET B . -2.04 1.72 0.87
C12 RET B . -0.72 1.66 0.92
C13 RET B . 0.06 0.38 0.90
C14 RET B . 1.35 0.51 0.92
C15 RET B . 2.33 -0.36 0.99
C16 RET B . -3.48 7.80 0.14
C17 RET B . -3.87 7.63 2.63
C18 RET B . -7.98 6.11 0.56
C19 RET B . -4.96 2.48 0.50
C20 RET B . -0.67 -0.93 0.79
O14 7YH C . 17.01 -20.03 6.48
O14 7YH C . 17.12 -19.80 6.43
P13 7YH C . 15.52 -19.84 6.75
P13 7YH C . 15.63 -19.77 6.71
O15 7YH C . 14.65 -19.75 5.51
O15 7YH C . 14.74 -19.73 5.49
O16 7YH C . 14.99 -21.09 7.59
O16 7YH C . 15.27 -21.13 7.47
C17 7YH C . 15.22 -22.44 7.22
C17 7YH C . 16.02 -22.32 7.23
C18 7YH C . 15.27 -23.30 8.47
C18 7YH C . 15.89 -23.24 8.43
N19 7YH C . 16.27 -24.36 8.28
N19 7YH C . 16.68 -24.45 8.18
C22 7YH C . 16.33 -24.72 6.85
C22 7YH C . 16.64 -24.76 6.75
C21 7YH C . 15.85 -25.54 9.06
C21 7YH C . 16.08 -25.55 8.94
C20 7YH C . 17.60 -23.91 8.72
C20 7YH C . 18.08 -24.23 8.59
O12 7YH C . 15.28 -18.51 7.64
O12 7YH C . 15.24 -18.50 7.63
C11 7YH C . 14.99 -18.73 9.01
C11 7YH C . 15.03 -18.70 9.02
C10 7YH C . 14.94 -17.43 9.79
C10 7YH C . 14.67 -17.36 9.62
O9 7YH C . 14.91 -16.38 8.83
O9 7YH C . 14.41 -16.52 8.50
C7 7YH C . 13.66 -15.63 8.84
C7 7YH C . 13.14 -15.80 8.51
O8 7YH C . 12.65 -16.13 9.32
O8 7YH C . 12.09 -16.32 8.84
C6 7YH C . 13.65 -14.27 8.23
C6 7YH C . 13.18 -14.40 8.03
C5 7YH C . 14.88 -13.68 8.05
C5 7YH C . 12.05 -13.66 7.71
C4 7YH C . 14.96 -12.43 7.50
C4 7YH C . 12.22 -12.35 7.26
BR1 7YH C . 16.65 -11.65 7.25
BR1 7YH C . 10.80 -11.24 6.75
C3 7YH C . 13.82 -11.76 7.11
C3 7YH C . 13.49 -11.81 7.13
C1 7YH C . 12.47 -13.62 7.85
C1 7YH C . 14.45 -13.88 7.90
C2 7YH C . 12.57 -12.35 7.29
C2 7YH C . 14.59 -12.59 7.46
I1 7YH C . 10.88 -11.28 6.64
I1 7YH C . 16.48 -11.79 7.24
C23 7YH C . 16.27 -17.40 10.54
C23 7YH C . 15.92 -16.86 10.34
O24 7YH C . 16.35 -16.40 11.54
O24 7YH C . 16.98 -16.51 9.45
C25 7YH C . 17.50 -15.52 11.53
C25 7YH C . 18.19 -15.92 10.03
O26 7YH C . 18.24 -15.49 10.55
O26 7YH C . 18.98 -15.24 9.38
C27 7YH C . 17.79 -14.62 12.71
C27 7YH C . 18.40 -16.18 11.52
C28 7YH C . 16.78 -14.91 13.82
C28 7YH C . 17.15 -15.88 12.33
C29 7YH C . 16.96 -13.91 14.95
C29 7YH C . 17.34 -14.61 13.15
C30 7YH C . 17.83 -14.50 16.07
C30 7YH C . 17.68 -13.40 12.27
C31 7YH C . 19.13 -13.64 16.29
C31 7YH C . 17.08 -12.11 12.84
C32 7YH C . 19.46 -13.83 17.86
C32 7YH C . 18.03 -10.92 12.72
C33 7YH C . 20.09 -12.53 18.43
C33 7YH C . 17.34 -9.57 12.91
C34 7YH C . 19.09 -11.89 19.52
C34 7YH C . 17.88 -8.51 11.95
C35 7YH C . 19.99 -11.09 20.53
C35 7YH C . 18.47 -7.32 12.69
C36 7YH C . 20.20 -9.63 20.08
C36 7YH C . 18.87 -6.20 11.73
C37 7YH C . 20.96 -8.83 21.16
C37 7YH C . 17.85 -5.06 11.81
C38 7YH C . 21.88 -7.80 20.40
C38 7YH C . 18.15 -4.05 12.93
C39 7YH C . 23.11 -7.52 21.29
C39 7YH C . 17.90 -4.61 14.33
I IOD D . -0.51 -9.24 8.41
C1 CPS E . 21.27 10.06 13.05
C2 CPS E . 20.34 10.31 11.84
C3 CPS E . 22.22 11.83 10.89
C4 CPS E . 22.53 13.17 10.20
C5 CPS E . 21.72 13.40 8.92
C6 CPS E . 20.25 13.26 9.27
C7 CPS E . 19.46 13.85 8.10
C8 CPS E . 20.38 14.94 7.57
C9 CPS E . 21.70 14.82 8.34
C10 CPS E . 22.16 12.37 7.88
C11 CPS E . 20.46 9.12 10.90
C12 CPS E . 21.00 10.93 14.30
C13 CPS E . 19.52 10.98 14.68
C14 CPS E . 18.65 11.40 13.48
C15 CPS E . 18.86 10.43 12.31
C16 CPS E . 17.90 10.74 11.15
C17 CPS E . 18.34 11.86 10.21
C18 CPS E . 19.84 11.90 9.88
C19 CPS E . 20.71 11.63 11.13
C20 CPS E . 22.92 15.33 7.56
C21 CPS E . 24.23 14.83 8.16
C22 CPS E . 22.90 16.86 7.44
C23 CPS E . 24.18 17.51 6.90
C24 CPS E . 23.99 18.97 6.56
O2 CPS E . 19.33 11.83 15.83
O3 CPS E . 17.95 13.07 10.84
O4 CPS E . 22.28 14.23 11.15
C1 OCT F . 1.24 -20.38 6.43
C2 OCT F . 1.27 -19.16 7.35
C3 OCT F . 2.05 -17.96 6.78
C4 OCT F . 2.84 -17.17 7.83
C5 OCT F . 2.78 -15.65 7.66
C6 OCT F . 2.28 -14.85 8.88
C7 OCT F . 2.80 -13.40 8.93
C8 OCT F . 1.66 -12.40 8.86
C20 HP6 G . -2.61 -18.88 5.97
C21 HP6 G . -2.98 -18.55 7.41
C22 HP6 G . -2.35 -17.22 7.86
C23 HP6 G . -3.24 -16.39 8.79
C24 HP6 G . -2.74 -14.95 8.89
C25 HP6 G . -3.77 -13.96 9.46
C26 HP6 G . -3.17 -12.58 9.65
C1 D12 H . 13.65 -13.95 -10.17
C2 D12 H . 12.54 -14.06 -9.13
C3 D12 H . 13.01 -13.62 -7.73
C4 D12 H . 12.80 -12.17 -7.34
C5 D12 H . 13.16 -11.29 -8.56
C6 D12 H . 13.63 -9.88 -8.23
C7 D12 H . 12.72 -8.80 -8.86
C8 D12 H . 13.41 -7.44 -8.75
C9 D12 H . 13.66 -7.02 -7.31
C10 D12 H . 15.15 -6.79 -6.97
C11 D12 H . 15.32 -5.73 -5.87
C12 D12 H . 16.66 -5.70 -5.15
C27 R16 I . -7.08 -18.02 8.40
C28 R16 I . -6.41 -16.67 8.67
C29 R16 I . -7.32 -15.51 9.09
C30 R16 I . -8.30 -15.08 7.99
C31 R16 I . -8.65 -13.61 7.94
C32 R16 I . -7.53 -12.66 8.41
C33 R16 I . -8.04 -11.78 9.56
C34 R16 I . -7.81 -10.29 9.37
C35 R16 I . -6.33 -9.99 9.47
C36 R16 I . -6.05 -8.51 9.55
C37 R16 I . -5.12 -8.19 10.71
C38 R16 I . -4.37 -6.91 10.44
C39 R16 I . -3.93 -6.17 11.71
C40 R16 I . -4.65 -4.84 11.91
C41 R16 I . -3.77 -3.76 12.54
C42 R16 I . -4.48 -2.42 12.60
C1 D10 J . -19.26 6.55 -2.07
C2 D10 J . -18.25 5.59 -2.67
C3 D10 J . -18.45 5.29 -4.16
C4 D10 J . -17.73 4.00 -4.56
C5 D10 J . -18.25 3.35 -5.85
C6 D10 J . -18.29 1.82 -5.81
C7 D10 J . -19.25 1.27 -6.86
C8 D10 J . -19.10 -0.22 -7.06
C9 D10 J . -18.85 -0.56 -8.54
C10 D10 J . -20.05 -1.17 -9.22
C27 R16 K . -24.84 -3.16 -7.78
C28 R16 K . -25.09 -2.34 -6.54
C29 R16 K . -24.02 -1.26 -6.41
C30 R16 K . -23.43 -1.20 -5.00
C31 R16 K . -22.59 0.05 -4.76
C32 R16 K . -21.81 -0.05 -3.44
C33 R16 K . -21.03 1.23 -3.20
C34 R16 K . -20.78 1.42 -1.71
C35 R16 K . -19.32 1.46 -1.25
C36 R16 K . -18.72 0.07 -1.25
C37 R16 K . -17.84 -0.23 -0.05
C38 R16 K . -17.49 -1.70 -0.32
C39 R16 K . -16.35 -2.22 0.53
C40 R16 K . -16.59 -3.70 0.65
C41 R16 K . -15.47 -4.40 1.38
C42 R16 K . -16.18 -5.58 1.96
C20 HP6 L . -4.92 1.71 22.40
C21 HP6 L . -4.51 3.11 21.96
C22 HP6 L . -4.13 3.99 23.15
C23 HP6 L . -4.34 5.51 22.93
C24 HP6 L . -4.28 6.29 24.25
C25 HP6 L . -4.33 7.82 24.04
C26 HP6 L . -4.69 8.55 25.32
C1 D10 M . 24.38 -7.12 23.78
C2 D10 M . 23.78 -8.21 22.92
C3 D10 M . 22.36 -7.86 22.44
C4 D10 M . 21.90 -8.63 21.18
C5 D10 M . 21.01 -9.86 21.49
C6 D10 M . 19.84 -10.00 20.51
C7 D10 M . 19.64 -11.47 20.13
C8 D10 M . 18.68 -11.59 18.93
C9 D10 M . 18.51 -13.04 18.38
C10 D10 M . 18.43 -13.17 16.86
C20 HP6 N . 0.04 -0.18 16.88
C21 HP6 N . 0.12 0.62 18.16
C22 HP6 N . -0.01 2.12 17.93
C23 HP6 N . -0.77 2.83 19.05
C24 HP6 N . 0.02 4.04 19.57
C25 HP6 N . -0.89 5.09 20.23
C26 HP6 N . -0.37 5.55 21.59
C20 HP6 O . 17.38 -11.86 11.94
C21 HP6 O . 17.18 -10.76 12.98
C22 HP6 O . 17.98 -9.48 12.66
C23 HP6 O . 17.86 -8.33 13.67
C24 HP6 O . 18.36 -6.98 13.05
C25 HP6 O . 17.81 -5.69 13.59
C26 HP6 O . 18.35 -4.39 12.92
C1 DD9 P . -11.77 13.64 -10.90
C2 DD9 P . -12.92 14.60 -10.60
C3 DD9 P . -12.48 16.07 -10.56
C4 DD9 P . -13.24 16.88 -9.49
C5 DD9 P . -12.39 18.02 -8.89
C6 DD9 P . -13.16 18.95 -7.96
C7 DD9 P . -12.24 20.08 -7.48
C8 DD9 P . -12.82 20.93 -6.34
C9 DD9 P . -11.76 21.61 -5.46
C1 D12 Q . -14.54 -2.61 -15.92
C2 D12 Q . -15.41 -1.42 -15.55
C3 D12 Q . -14.74 -0.01 -15.60
C4 D12 Q . -15.35 1.01 -14.62
C5 D12 Q . -14.72 2.41 -14.65
C6 D12 Q . -13.72 2.74 -13.51
C7 D12 Q . -14.30 3.79 -12.55
C8 D12 Q . -13.23 4.57 -11.76
C9 D12 Q . -13.64 4.65 -10.28
C10 D12 Q . -14.40 5.91 -9.86
C11 D12 Q . -13.73 6.58 -8.66
C12 D12 Q . -14.28 7.95 -8.28
C1 D12 R . -7.65 3.35 13.39
C2 D12 R . -6.60 4.25 14.05
C3 D12 R . -6.69 4.28 15.59
C4 D12 R . -6.25 5.61 16.25
C5 D12 R . -5.14 5.56 17.32
C6 D12 R . -5.24 6.80 18.22
C7 D12 R . -3.97 7.31 18.92
C8 D12 R . -4.17 8.83 19.08
C9 D12 R . -3.55 9.42 20.33
C10 D12 R . -3.39 10.95 20.27
C11 D12 R . -2.19 11.39 21.10
C12 D12 R . -2.30 12.84 21.58
C27 R16 S . 16.84 2.07 16.06
C28 R16 S . 16.91 0.62 15.60
C29 R16 S . 16.92 0.43 14.07
C30 R16 S . 18.24 -0.20 13.57
C31 R16 S . 18.23 -0.50 12.06
C32 R16 S . 19.18 0.37 11.24
C33 R16 S . 18.66 1.81 11.05
C34 R16 S . 19.78 2.85 11.16
C35 R16 S . 19.72 3.74 12.41
C36 R16 S . 20.84 4.77 12.40
C37 R16 S . 20.79 5.85 13.49
C38 R16 S . 21.21 5.50 14.93
C39 R16 S . 21.46 6.85 15.63
C40 R16 S . 21.13 6.91 17.13
C41 R16 S . 21.30 8.34 17.69
C42 R16 S . 20.83 8.49 19.13
C20 HP6 T . -17.34 11.22 -3.93
C21 HP6 T . -17.04 12.69 -4.10
C22 HP6 T . -17.72 13.54 -3.02
C23 HP6 T . -17.09 14.93 -2.82
C24 HP6 T . -17.96 15.88 -1.99
C25 HP6 T . -18.03 17.30 -2.61
C26 HP6 T . -19.12 18.19 -2.03
C1 OCT U . -5.38 14.19 -10.31
C2 OCT U . -6.00 15.58 -10.21
C3 OCT U . -5.01 16.77 -10.36
C4 OCT U . -5.62 18.18 -10.59
C5 OCT U . -4.75 19.34 -10.06
C6 OCT U . -5.59 20.47 -9.43
C7 OCT U . -4.77 21.29 -8.41
C8 OCT U . -5.43 22.59 -7.97
#